data_5K6T
#
_entry.id   5K6T
#
_cell.length_a   180.025
_cell.length_b   180.025
_cell.length_c   186.157
_cell.angle_alpha   90.00
_cell.angle_beta   90.00
_cell.angle_gamma   120.00
#
_symmetry.space_group_name_H-M   'P 64 2 2'
#
loop_
_entity.id
_entity.type
_entity.pdbx_description
1 polymer 'Acetolactate synthase, chloroplastic'
2 non-polymer 'MAGNESIUM ION'
3 non-polymer 'FLAVIN-ADENINE DINUCLEOTIDE'
4 non-polymer 'methyl 2-[(4-methyl-5-oxidanylidene-3-propoxy-1,2,4-triazol-1-yl)carbonylsulfamoyl]benzoate'
5 non-polymer '2-[N-CYCLOHEXYLAMINO]ETHANE SULFONIC ACID'
6 non-polymer 'POTASSIUM ION'
7 non-polymer '2-{3-[(4-AMINO-2-METHYLPYRIMIDIN-5-YL)METHYL]-4-METHYL-2-OXO-2,3-DIHYDRO-1,3-THIAZOL-5-YL}ETHYL TRIHYDROGEN DIPHOSPHATE'
8 water water
#
_entity_poly.entity_id   1
_entity_poly.type   'polypeptide(L)'
_entity_poly.pdbx_seq_one_letter_code
;TFISRFAPDQPRKGADILVEALERQGVETVFAYPGGASMEIHQALTRSSSIRNVLPRHEQGGVFAAEGYARSSGKPGICI
ATSGPGATNLVSGLADALLDSVPLVAITGQVPRRMIGTDAFQETPIVEVTRSITKHNYLVMDVEDIPRIIEEAFFLATSG
RPGPVLVDVPKDIQQQLAIPNWEQAMRLPGYMSRMPKPPEDSHLEQIVRLISESKKPVLYVGGGCLNSSDELGRFVELTG
IPVASTLMGLGSYP(CSD)DDELSLHMLGMHGTVYANYAVEHSDLLLAFGVRFDDRVTGKLEAFASRAKIVHIDIDSAEI
GKNKTPHVSVCGDVKLALQGMNKVLENRAEELKLDFGVWRNELNVQKQKFPLSFKTFGEAIPPQYAIKVLDELTDGKAII
STGVGQHQMWAAQFYNYKKPRQWLSSGGLGAMGFGLPAAIGASVANPDAIVVDIDGDGSFIMNVQELATIRVENLPVKVL
LLNNQHLGMVMQWEDRFYKANRAHTFLGDPAQEDEIFPNMLLFAAACGIPAARVTKKADLREAIQTMLDTPGPYLLDVIC
PHQEHVLPMIPSGGTFNDVITEGDGRLEHHHHHH
;
_entity_poly.pdbx_strand_id   A
#
# COMPACT_ATOMS: atom_id res chain seq x y z
N THR A 1 22.14 10.77 -22.34
CA THR A 1 23.35 11.26 -21.68
C THR A 1 23.01 12.31 -20.62
N PHE A 2 23.44 12.05 -19.39
CA PHE A 2 23.16 12.94 -18.28
C PHE A 2 24.03 14.18 -18.30
N ILE A 3 23.44 15.32 -17.95
CA ILE A 3 24.18 16.58 -17.89
C ILE A 3 24.26 17.09 -16.44
N SER A 4 25.48 17.26 -15.95
CA SER A 4 25.70 17.74 -14.60
C SER A 4 25.78 19.25 -14.55
N ARG A 5 25.49 19.83 -13.39
CA ARG A 5 25.59 21.27 -13.20
C ARG A 5 27.01 21.66 -12.80
N PHE A 6 27.88 20.66 -12.73
CA PHE A 6 29.27 20.87 -12.34
C PHE A 6 30.23 20.31 -13.39
N ALA A 7 31.43 20.90 -13.46
CA ALA A 7 32.47 20.41 -14.36
C ALA A 7 32.99 19.07 -13.85
N PRO A 8 33.40 18.19 -14.77
CA PRO A 8 33.91 16.85 -14.42
C PRO A 8 35.14 16.89 -13.51
N ASP A 9 35.85 18.00 -13.49
CA ASP A 9 37.06 18.15 -12.68
C ASP A 9 36.88 19.19 -11.58
N GLN A 10 35.62 19.49 -11.25
CA GLN A 10 35.32 20.51 -10.26
C GLN A 10 34.85 19.89 -8.94
N PRO A 11 35.59 20.15 -7.86
CA PRO A 11 35.21 19.68 -6.52
C PRO A 11 33.89 20.29 -6.06
N ARG A 12 33.10 19.51 -5.33
CA ARG A 12 31.80 19.96 -4.86
C ARG A 12 31.42 19.26 -3.55
N LYS A 13 30.53 19.90 -2.79
CA LYS A 13 30.08 19.36 -1.52
C LYS A 13 29.45 17.98 -1.66
N GLY A 14 29.57 17.16 -0.63
CA GLY A 14 28.95 15.85 -0.61
C GLY A 14 27.46 15.93 -0.79
N ALA A 15 26.86 17.01 -0.28
CA ALA A 15 25.43 17.24 -0.41
C ALA A 15 25.03 17.43 -1.87
N ASP A 16 25.88 18.11 -2.63
CA ASP A 16 25.64 18.33 -4.06
C ASP A 16 25.85 17.03 -4.84
N ILE A 17 26.77 16.20 -4.35
CA ILE A 17 27.02 14.90 -4.96
C ILE A 17 25.82 13.98 -4.71
N LEU A 18 25.28 14.06 -3.50
CA LEU A 18 24.12 13.25 -3.13
C LEU A 18 22.89 13.60 -3.95
N VAL A 19 22.67 14.89 -4.18
CA VAL A 19 21.50 15.33 -4.94
C VAL A 19 21.63 14.96 -6.42
N GLU A 20 22.82 15.12 -6.97
CA GLU A 20 23.06 14.73 -8.35
C GLU A 20 22.92 13.21 -8.52
N ALA A 21 23.28 12.48 -7.47
CA ALA A 21 23.11 11.03 -7.46
C ALA A 21 21.63 10.66 -7.58
N LEU A 22 20.78 11.45 -6.93
CA LEU A 22 19.34 11.27 -7.03
C LEU A 22 18.85 11.64 -8.44
N GLU A 23 19.41 12.70 -8.99
CA GLU A 23 19.07 13.15 -10.34
C GLU A 23 19.40 12.07 -11.37
N ARG A 24 20.51 11.37 -11.16
CA ARG A 24 20.95 10.33 -12.07
C ARG A 24 20.11 9.06 -11.92
N GLN A 25 19.29 9.03 -10.89
CA GLN A 25 18.36 7.92 -10.68
C GLN A 25 16.99 8.26 -11.24
N GLY A 26 16.86 9.47 -11.78
CA GLY A 26 15.61 9.92 -12.36
C GLY A 26 14.61 10.47 -11.36
N VAL A 27 15.08 10.75 -10.15
CA VAL A 27 14.22 11.29 -9.10
C VAL A 27 13.71 12.69 -9.46
N GLU A 28 12.40 12.88 -9.36
CA GLU A 28 11.80 14.17 -9.68
C GLU A 28 11.18 14.83 -8.45
N THR A 29 10.89 14.03 -7.43
CA THR A 29 10.20 14.54 -6.24
C THR A 29 10.73 13.89 -4.96
N VAL A 30 10.98 14.72 -3.95
CA VAL A 30 11.34 14.23 -2.63
C VAL A 30 10.41 14.82 -1.58
N PHE A 31 10.35 14.18 -0.42
CA PHE A 31 9.56 14.71 0.69
C PHE A 31 10.47 14.95 1.88
N ALA A 32 10.90 16.21 2.03
CA ALA A 32 11.95 16.54 2.98
C ALA A 32 11.55 17.64 3.97
N TYR A 33 11.80 17.38 5.26
CA TYR A 33 11.58 18.38 6.31
C TYR A 33 12.94 18.79 6.87
N PRO A 34 13.29 20.08 6.72
CA PRO A 34 14.64 20.58 7.04
C PRO A 34 15.01 20.53 8.52
N GLY A 35 16.28 20.26 8.78
CA GLY A 35 16.84 20.31 10.12
C GLY A 35 18.33 20.53 10.03
N GLY A 36 18.97 20.77 11.17
CA GLY A 36 20.39 21.10 11.22
C GLY A 36 21.32 20.14 10.51
N ALA A 37 21.12 18.85 10.72
CA ALA A 37 22.00 17.84 10.15
C ALA A 37 21.76 17.62 8.66
N SER A 38 20.68 18.20 8.14
CA SER A 38 20.34 18.01 6.73
C SER A 38 20.22 19.33 5.97
N MET A 39 20.67 20.42 6.58
CA MET A 39 20.59 21.74 5.94
C MET A 39 21.38 21.80 4.65
N GLU A 40 22.55 21.19 4.64
CA GLU A 40 23.41 21.14 3.46
C GLU A 40 22.69 20.49 2.29
N ILE A 41 21.97 19.41 2.58
CA ILE A 41 21.21 18.70 1.56
C ILE A 41 20.08 19.56 1.02
N HIS A 42 19.42 20.28 1.91
CA HIS A 42 18.32 21.17 1.53
C HIS A 42 18.83 22.34 0.69
N GLN A 43 20.01 22.84 1.03
CA GLN A 43 20.64 23.90 0.23
C GLN A 43 20.97 23.36 -1.16
N ALA A 44 21.41 22.12 -1.24
CA ALA A 44 21.76 21.49 -2.51
C ALA A 44 20.53 21.25 -3.36
N LEU A 45 19.40 20.98 -2.72
CA LEU A 45 18.14 20.74 -3.42
C LEU A 45 17.66 21.98 -4.17
N THR A 46 17.88 23.14 -3.58
CA THR A 46 17.44 24.40 -4.20
C THR A 46 18.24 24.71 -5.45
N ARG A 47 19.44 24.13 -5.55
CA ARG A 47 20.30 24.32 -6.71
C ARG A 47 19.89 23.38 -7.85
N SER A 48 19.12 22.35 -7.52
CA SER A 48 18.61 21.43 -8.51
C SER A 48 17.36 21.99 -9.18
N SER A 49 17.32 21.93 -10.50
CA SER A 49 16.18 22.43 -11.26
C SER A 49 15.29 21.28 -11.72
N SER A 50 15.67 20.05 -11.39
CA SER A 50 14.92 18.88 -11.81
C SER A 50 14.22 18.19 -10.64
N ILE A 51 14.70 18.42 -9.43
CA ILE A 51 14.11 17.81 -8.24
C ILE A 51 13.28 18.81 -7.45
N ARG A 52 12.03 18.45 -7.20
CA ARG A 52 11.10 19.28 -6.45
C ARG A 52 10.90 18.71 -5.04
N ASN A 53 10.88 19.59 -4.04
CA ASN A 53 10.62 19.17 -2.67
C ASN A 53 9.21 19.52 -2.23
N VAL A 54 8.49 18.52 -1.71
CA VAL A 54 7.22 18.76 -1.06
C VAL A 54 7.43 18.77 0.46
N LEU A 55 7.34 19.96 1.05
CA LEU A 55 7.54 20.11 2.48
C LEU A 55 6.31 19.67 3.27
N PRO A 56 6.45 18.61 4.07
CA PRO A 56 5.36 18.16 4.94
C PRO A 56 5.32 18.99 6.22
N ARG A 57 4.39 18.70 7.12
CA ARG A 57 4.35 19.39 8.39
C ARG A 57 4.77 18.45 9.52
N HIS A 58 5.14 17.24 9.13
CA HIS A 58 5.61 16.21 10.06
C HIS A 58 6.31 15.14 9.25
N GLU A 59 7.43 14.64 9.75
CA GLU A 59 8.22 13.65 9.02
C GLU A 59 7.43 12.38 8.75
N GLN A 60 6.56 12.00 9.68
CA GLN A 60 5.70 10.84 9.47
C GLN A 60 4.77 11.08 8.28
N GLY A 61 4.31 12.32 8.16
CA GLY A 61 3.53 12.72 7.00
C GLY A 61 4.38 12.66 5.75
N GLY A 62 5.66 12.96 5.89
CA GLY A 62 6.60 12.94 4.78
C GLY A 62 6.86 11.54 4.25
N VAL A 63 7.10 10.59 5.14
CA VAL A 63 7.41 9.23 4.74
C VAL A 63 6.16 8.51 4.22
N PHE A 64 5.01 8.78 4.82
CA PHE A 64 3.75 8.20 4.35
C PHE A 64 3.39 8.75 2.97
N ALA A 65 3.76 10.00 2.71
CA ALA A 65 3.54 10.59 1.40
C ALA A 65 4.44 9.92 0.37
N ALA A 66 5.66 9.59 0.76
CA ALA A 66 6.59 8.90 -0.11
C ALA A 66 6.07 7.50 -0.44
N GLU A 67 5.36 6.90 0.50
CA GLU A 67 4.73 5.60 0.28
C GLU A 67 3.61 5.69 -0.75
N GLY A 68 2.74 6.68 -0.56
CA GLY A 68 1.65 6.91 -1.49
C GLY A 68 2.17 7.20 -2.89
N TYR A 69 3.26 7.98 -2.93
CA TYR A 69 3.96 8.27 -4.18
C TYR A 69 4.44 6.98 -4.83
N ALA A 70 4.99 6.08 -4.03
CA ALA A 70 5.54 4.83 -4.53
C ALA A 70 4.45 3.84 -4.94
N ARG A 71 3.45 3.67 -4.08
CA ARG A 71 2.38 2.71 -4.32
C ARG A 71 1.55 3.05 -5.55
N SER A 72 1.38 4.35 -5.82
CA SER A 72 0.51 4.80 -6.91
C SER A 72 1.24 4.97 -8.23
N SER A 73 2.53 4.64 -8.28
CA SER A 73 3.32 4.89 -9.47
C SER A 73 4.24 3.72 -9.85
N GLY A 74 4.68 2.97 -8.83
CA GLY A 74 5.64 1.90 -9.07
C GLY A 74 7.07 2.40 -8.97
N LYS A 75 7.22 3.71 -8.83
CA LYS A 75 8.53 4.32 -8.64
C LYS A 75 8.92 4.29 -7.17
N PRO A 76 10.22 4.37 -6.87
CA PRO A 76 10.60 4.45 -5.46
C PRO A 76 10.21 5.80 -4.83
N GLY A 77 9.72 5.77 -3.60
CA GLY A 77 9.40 6.99 -2.89
C GLY A 77 10.62 7.47 -2.11
N ILE A 78 10.90 8.76 -2.20
CA ILE A 78 12.08 9.32 -1.53
C ILE A 78 11.70 10.37 -0.49
N CYS A 79 12.08 10.13 0.75
CA CYS A 79 11.88 11.10 1.83
C CYS A 79 13.21 11.42 2.50
N ILE A 80 13.38 12.67 2.90
CA ILE A 80 14.60 13.11 3.58
C ILE A 80 14.27 13.73 4.94
N ALA A 81 15.02 13.35 5.95
CA ALA A 81 14.80 13.88 7.30
C ALA A 81 16.11 14.27 7.95
N THR A 82 16.03 15.08 9.01
CA THR A 82 17.21 15.47 9.76
C THR A 82 17.54 14.41 10.79
N SER A 83 18.58 14.65 11.58
CA SER A 83 19.01 13.68 12.59
C SER A 83 18.04 13.65 13.77
N GLY A 84 18.27 12.71 14.68
CA GLY A 84 17.53 12.64 15.92
C GLY A 84 16.03 12.48 15.76
N PRO A 85 15.26 13.48 16.21
CA PRO A 85 13.80 13.45 16.22
C PRO A 85 13.21 13.35 14.82
N GLY A 86 13.93 13.88 13.83
CA GLY A 86 13.50 13.79 12.45
C GLY A 86 13.54 12.35 11.99
N ALA A 87 14.66 11.68 12.25
CA ALA A 87 14.87 10.30 11.84
C ALA A 87 13.91 9.33 12.54
N THR A 88 13.72 9.51 13.84
CA THR A 88 12.84 8.62 14.60
C THR A 88 11.38 8.77 14.17
N ASN A 89 11.04 9.92 13.60
CA ASN A 89 9.68 10.15 13.12
C ASN A 89 9.38 9.42 11.82
N LEU A 90 10.40 8.81 11.23
CA LEU A 90 10.24 8.04 10.00
C LEU A 90 9.91 6.57 10.26
N VAL A 91 10.14 6.14 11.50
CA VAL A 91 10.14 4.71 11.83
C VAL A 91 8.86 3.97 11.44
N SER A 92 7.70 4.52 11.77
CA SER A 92 6.43 3.89 11.41
C SER A 92 6.30 3.71 9.90
N GLY A 93 6.80 4.68 9.15
CA GLY A 93 6.76 4.62 7.70
C GLY A 93 7.68 3.54 7.13
N LEU A 94 8.86 3.40 7.72
CA LEU A 94 9.81 2.39 7.28
C LEU A 94 9.28 0.98 7.53
N ALA A 95 8.72 0.77 8.71
CA ALA A 95 8.14 -0.52 9.07
C ALA A 95 6.97 -0.84 8.15
N ASP A 96 6.18 0.18 7.85
CA ASP A 96 5.03 0.05 6.98
C ASP A 96 5.45 -0.38 5.58
N ALA A 97 6.51 0.23 5.06
CA ALA A 97 6.98 -0.05 3.71
C ALA A 97 7.60 -1.44 3.61
N LEU A 98 8.20 -1.90 4.70
CA LEU A 98 8.83 -3.22 4.71
C LEU A 98 7.80 -4.34 4.69
N LEU A 99 6.74 -4.19 5.48
CA LEU A 99 5.71 -5.21 5.58
C LEU A 99 4.87 -5.32 4.30
N ASP A 100 4.67 -4.19 3.62
CA ASP A 100 3.89 -4.18 2.39
C ASP A 100 4.78 -4.25 1.15
N SER A 101 6.08 -4.37 1.37
CA SER A 101 7.06 -4.47 0.29
C SER A 101 6.98 -3.27 -0.67
N VAL A 102 7.11 -2.07 -0.11
CA VAL A 102 7.05 -0.84 -0.89
C VAL A 102 8.46 -0.26 -1.11
N PRO A 103 8.81 0.02 -2.37
CA PRO A 103 10.14 0.58 -2.68
C PRO A 103 10.30 1.99 -2.12
N LEU A 104 11.24 2.16 -1.20
CA LEU A 104 11.41 3.42 -0.51
C LEU A 104 12.87 3.70 -0.22
N VAL A 105 13.31 4.91 -0.53
CA VAL A 105 14.65 5.34 -0.14
C VAL A 105 14.57 6.51 0.82
N ALA A 106 14.98 6.28 2.06
CA ALA A 106 14.95 7.31 3.08
C ALA A 106 16.35 7.81 3.42
N ILE A 107 16.56 9.11 3.26
CA ILE A 107 17.86 9.71 3.56
C ILE A 107 17.77 10.55 4.82
N THR A 108 18.57 10.22 5.82
CA THR A 108 18.60 10.98 7.07
C THR A 108 19.94 11.67 7.27
N GLY A 109 19.89 12.92 7.72
CA GLY A 109 21.09 13.62 8.12
C GLY A 109 21.58 13.05 9.43
N GLN A 110 22.87 13.21 9.70
CA GLN A 110 23.46 12.71 10.93
C GLN A 110 24.50 13.69 11.45
N VAL A 111 24.75 13.67 12.75
CA VAL A 111 25.81 14.47 13.35
C VAL A 111 27.15 14.12 12.71
N PRO A 112 28.13 15.03 12.79
CA PRO A 112 29.47 14.76 12.27
C PRO A 112 30.04 13.42 12.75
N ARG A 113 30.89 12.81 11.94
CA ARG A 113 31.40 11.47 12.22
C ARG A 113 32.08 11.35 13.59
N ARG A 114 32.91 12.34 13.93
CA ARG A 114 33.65 12.32 15.19
C ARG A 114 32.71 12.45 16.39
N MET A 115 31.49 12.95 16.14
CA MET A 115 30.54 13.21 17.20
C MET A 115 29.65 12.01 17.49
N ILE A 116 29.71 11.01 16.61
CA ILE A 116 28.84 9.84 16.73
C ILE A 116 29.21 8.98 17.93
N GLY A 117 28.20 8.64 18.74
CA GLY A 117 28.39 7.77 19.89
C GLY A 117 28.66 8.52 21.18
N THR A 118 28.65 9.84 21.12
CA THR A 118 28.96 10.67 22.28
C THR A 118 27.71 11.29 22.89
N ASP A 119 26.54 10.76 22.53
CA ASP A 119 25.25 11.32 22.95
C ASP A 119 25.18 12.80 22.60
N ALA A 120 25.51 13.12 21.35
CA ALA A 120 25.59 14.50 20.88
C ALA A 120 24.22 15.12 20.67
N PHE A 121 24.23 16.40 20.30
CA PHE A 121 23.00 17.15 20.05
C PHE A 121 22.21 16.56 18.88
N GLN A 122 20.97 16.18 19.17
CA GLN A 122 20.08 15.58 18.17
C GLN A 122 20.66 14.34 17.51
N GLU A 123 21.22 13.44 18.32
CA GLU A 123 21.81 12.22 17.78
C GLU A 123 21.05 10.97 18.19
N THR A 124 20.63 10.18 17.20
CA THR A 124 20.10 8.85 17.44
C THR A 124 20.85 7.85 16.58
N PRO A 125 21.11 6.66 17.13
CA PRO A 125 21.69 5.58 16.34
C PRO A 125 20.64 4.98 15.40
N ILE A 126 20.29 5.72 14.36
CA ILE A 126 19.15 5.37 13.52
C ILE A 126 19.38 4.08 12.73
N VAL A 127 20.63 3.76 12.44
CA VAL A 127 20.95 2.52 11.74
C VAL A 127 20.66 1.30 12.63
N GLU A 128 21.03 1.40 13.90
CA GLU A 128 20.72 0.36 14.87
C GLU A 128 19.21 0.19 15.06
N VAL A 129 18.52 1.32 15.16
CA VAL A 129 17.07 1.34 15.39
C VAL A 129 16.29 0.73 14.22
N THR A 130 16.70 1.05 13.01
CA THR A 130 15.94 0.68 11.81
C THR A 130 16.47 -0.55 11.08
N ARG A 131 17.40 -1.28 11.68
CA ARG A 131 17.99 -2.43 11.01
C ARG A 131 16.97 -3.55 10.81
N SER A 132 16.08 -3.74 11.78
CA SER A 132 15.10 -4.82 11.72
C SER A 132 13.82 -4.42 10.99
N ILE A 133 13.71 -3.16 10.59
CA ILE A 133 12.50 -2.69 9.92
C ILE A 133 12.79 -2.04 8.57
N THR A 134 13.94 -2.35 7.99
CA THR A 134 14.25 -1.95 6.63
C THR A 134 14.81 -3.14 5.86
N LYS A 135 14.75 -3.08 4.53
CA LYS A 135 15.34 -4.12 3.71
C LYS A 135 16.85 -4.09 3.88
N HIS A 136 17.38 -2.89 4.03
CA HIS A 136 18.81 -2.67 4.25
C HIS A 136 19.03 -1.21 4.65
N ASN A 137 20.12 -0.92 5.33
CA ASN A 137 20.48 0.46 5.61
C ASN A 137 21.98 0.70 5.56
N TYR A 138 22.38 1.97 5.50
CA TYR A 138 23.78 2.36 5.38
C TYR A 138 24.15 3.49 6.32
N LEU A 139 25.41 3.52 6.72
CA LEU A 139 26.00 4.70 7.35
C LEU A 139 27.20 5.15 6.53
N VAL A 140 27.02 6.23 5.79
CA VAL A 140 28.08 6.75 4.92
C VAL A 140 29.23 7.29 5.76
N MET A 141 30.43 6.73 5.58
CA MET A 141 31.57 7.12 6.39
C MET A 141 32.63 7.87 5.58
N ASP A 142 32.37 8.06 4.30
CA ASP A 142 33.25 8.84 3.45
C ASP A 142 32.49 9.40 2.25
N VAL A 143 32.86 10.62 1.85
CA VAL A 143 32.18 11.32 0.76
C VAL A 143 32.30 10.56 -0.57
N GLU A 144 33.36 9.78 -0.72
CA GLU A 144 33.60 9.04 -1.96
C GLU A 144 32.67 7.84 -2.11
N ASP A 145 31.98 7.47 -1.03
CA ASP A 145 31.09 6.32 -1.07
C ASP A 145 29.66 6.70 -1.43
N ILE A 146 29.39 8.00 -1.50
CA ILE A 146 28.03 8.49 -1.78
C ILE A 146 27.46 8.00 -3.12
N PRO A 147 28.23 8.11 -4.23
CA PRO A 147 27.63 7.62 -5.48
C PRO A 147 27.30 6.12 -5.46
N ARG A 148 28.18 5.32 -4.87
CA ARG A 148 27.99 3.87 -4.84
C ARG A 148 26.80 3.48 -3.96
N ILE A 149 26.75 4.05 -2.76
CA ILE A 149 25.71 3.71 -1.79
C ILE A 149 24.31 4.12 -2.27
N ILE A 150 24.20 5.32 -2.82
CA ILE A 150 22.92 5.79 -3.37
C ILE A 150 22.45 4.85 -4.49
N GLU A 151 23.37 4.44 -5.36
CA GLU A 151 23.04 3.53 -6.44
C GLU A 151 22.58 2.18 -5.89
N GLU A 152 23.31 1.68 -4.89
CA GLU A 152 22.96 0.41 -4.24
C GLU A 152 21.61 0.51 -3.53
N ALA A 153 21.37 1.65 -2.89
CA ALA A 153 20.14 1.86 -2.14
C ALA A 153 18.91 1.78 -3.04
N PHE A 154 18.98 2.43 -4.21
CA PHE A 154 17.88 2.41 -5.16
C PHE A 154 17.73 1.03 -5.79
N PHE A 155 18.85 0.37 -6.05
CA PHE A 155 18.83 -0.97 -6.62
C PHE A 155 18.16 -1.96 -5.67
N LEU A 156 18.56 -1.92 -4.41
CA LEU A 156 18.01 -2.82 -3.40
C LEU A 156 16.54 -2.53 -3.11
N ALA A 157 16.16 -1.26 -3.14
CA ALA A 157 14.80 -0.86 -2.80
C ALA A 157 13.82 -1.27 -3.89
N THR A 158 14.28 -1.33 -5.14
CA THR A 158 13.39 -1.55 -6.27
C THR A 158 13.47 -2.95 -6.87
N SER A 159 14.61 -3.61 -6.70
CA SER A 159 14.79 -4.94 -7.28
C SER A 159 14.28 -6.05 -6.36
N GLY A 160 14.09 -7.23 -6.92
CA GLY A 160 13.60 -8.38 -6.18
C GLY A 160 12.29 -8.07 -5.48
N ARG A 161 12.21 -8.40 -4.21
CA ARG A 161 11.09 -7.98 -3.37
C ARG A 161 11.37 -6.56 -2.87
N PRO A 162 10.61 -5.58 -3.37
CA PRO A 162 10.83 -4.17 -3.04
C PRO A 162 10.73 -3.89 -1.54
N GLY A 163 11.40 -2.84 -1.09
CA GLY A 163 11.40 -2.49 0.32
C GLY A 163 12.12 -1.18 0.59
N PRO A 164 12.03 -0.71 1.85
CA PRO A 164 12.66 0.54 2.27
C PRO A 164 14.16 0.40 2.53
N VAL A 165 14.93 1.38 2.07
CA VAL A 165 16.36 1.43 2.35
C VAL A 165 16.71 2.80 2.93
N LEU A 166 17.36 2.80 4.09
CA LEU A 166 17.73 4.05 4.75
C LEU A 166 19.23 4.33 4.61
N VAL A 167 19.56 5.56 4.27
CA VAL A 167 20.95 5.98 4.15
C VAL A 167 21.25 7.15 5.08
N ASP A 168 22.08 6.90 6.10
CA ASP A 168 22.43 7.91 7.09
C ASP A 168 23.70 8.66 6.68
N VAL A 169 23.58 9.98 6.52
CA VAL A 169 24.68 10.80 6.03
C VAL A 169 25.14 11.85 7.04
N PRO A 170 26.31 11.62 7.66
CA PRO A 170 26.93 12.57 8.60
C PRO A 170 27.14 13.95 7.99
N LYS A 171 26.96 15.00 8.78
CA LYS A 171 26.96 16.37 8.29
C LYS A 171 28.30 16.80 7.69
N ASP A 172 29.40 16.32 8.27
CA ASP A 172 30.73 16.68 7.77
C ASP A 172 30.97 16.07 6.39
N ILE A 173 30.34 14.94 6.11
CA ILE A 173 30.42 14.31 4.80
C ILE A 173 29.70 15.17 3.75
N GLN A 174 28.57 15.75 4.15
CA GLN A 174 27.80 16.63 3.27
C GLN A 174 28.56 17.91 2.93
N GLN A 175 29.48 18.30 3.80
CA GLN A 175 30.20 19.55 3.64
C GLN A 175 31.54 19.39 2.93
N GLN A 176 32.02 18.16 2.84
CA GLN A 176 33.34 17.89 2.28
C GLN A 176 33.34 18.03 0.76
N LEU A 177 34.37 18.69 0.23
CA LEU A 177 34.54 18.84 -1.21
C LEU A 177 35.18 17.59 -1.81
N ALA A 178 34.65 17.14 -2.94
CA ALA A 178 35.19 15.96 -3.62
C ALA A 178 34.75 15.89 -5.07
N ILE A 179 35.45 15.07 -5.85
CA ILE A 179 35.07 14.81 -7.23
C ILE A 179 34.52 13.39 -7.32
N PRO A 180 33.20 13.26 -7.54
CA PRO A 180 32.52 11.96 -7.53
C PRO A 180 32.84 11.10 -8.74
N ASN A 181 32.87 9.79 -8.52
CA ASN A 181 33.01 8.83 -9.62
C ASN A 181 31.72 8.04 -9.79
N TRP A 182 31.10 8.17 -10.96
CA TRP A 182 29.80 7.56 -11.20
C TRP A 182 29.93 6.21 -11.90
N GLU A 183 31.16 5.85 -12.27
CA GLU A 183 31.40 4.62 -13.01
C GLU A 183 31.89 3.50 -12.10
N GLN A 184 31.54 3.58 -10.81
CA GLN A 184 31.99 2.58 -9.84
C GLN A 184 30.99 1.44 -9.72
N ALA A 185 31.49 0.26 -9.38
CA ALA A 185 30.66 -0.94 -9.30
C ALA A 185 30.04 -1.12 -7.93
N MET A 186 28.83 -1.67 -7.90
CA MET A 186 28.14 -1.95 -6.64
C MET A 186 28.76 -3.13 -5.92
N ARG A 187 28.82 -3.05 -4.59
CA ARG A 187 29.35 -4.13 -3.77
C ARG A 187 28.24 -5.01 -3.21
N LEU A 188 27.50 -5.67 -4.09
CA LEU A 188 26.44 -6.57 -3.66
C LEU A 188 26.54 -7.95 -4.31
N PRO A 189 27.68 -8.64 -4.11
CA PRO A 189 27.89 -9.91 -4.81
C PRO A 189 26.96 -11.03 -4.34
N GLY A 190 26.64 -11.05 -3.05
CA GLY A 190 25.77 -12.07 -2.50
C GLY A 190 24.34 -11.90 -2.97
N TYR A 191 23.83 -10.68 -2.88
CA TYR A 191 22.46 -10.37 -3.26
C TYR A 191 22.22 -10.67 -4.74
N MET A 192 23.15 -10.24 -5.59
CA MET A 192 22.98 -10.39 -7.03
C MET A 192 23.11 -11.85 -7.48
N SER A 193 23.81 -12.66 -6.70
CA SER A 193 23.95 -14.07 -7.02
C SER A 193 22.70 -14.85 -6.62
N ARG A 194 21.90 -14.27 -5.74
CA ARG A 194 20.68 -14.92 -5.28
C ARG A 194 19.45 -14.35 -5.99
N MET A 195 19.66 -13.46 -6.94
CA MET A 195 18.56 -12.93 -7.73
C MET A 195 17.97 -14.04 -8.58
N PRO A 196 16.64 -14.25 -8.46
CA PRO A 196 15.95 -15.35 -9.14
C PRO A 196 16.18 -15.35 -10.64
N LYS A 197 16.39 -16.53 -11.21
CA LYS A 197 16.54 -16.70 -12.64
C LYS A 197 15.18 -16.52 -13.31
N PRO A 198 15.16 -16.23 -14.62
CA PRO A 198 13.90 -16.26 -15.34
C PRO A 198 13.29 -17.67 -15.32
N PRO A 199 11.97 -17.78 -15.06
CA PRO A 199 11.28 -19.05 -14.85
C PRO A 199 11.53 -20.08 -15.94
N GLU A 200 11.91 -21.29 -15.53
CA GLU A 200 12.20 -22.37 -16.47
C GLU A 200 10.93 -22.98 -17.03
N ASP A 201 11.02 -23.51 -18.25
CA ASP A 201 9.89 -24.16 -18.89
C ASP A 201 9.45 -25.39 -18.11
N SER A 202 10.40 -26.03 -17.44
CA SER A 202 10.13 -27.23 -16.66
CA SER A 202 10.13 -27.23 -16.66
C SER A 202 9.05 -26.99 -15.60
N HIS A 203 9.18 -25.90 -14.85
CA HIS A 203 8.22 -25.58 -13.81
C HIS A 203 6.90 -25.06 -14.36
N LEU A 204 6.99 -24.29 -15.44
CA LEU A 204 5.79 -23.71 -16.05
C LEU A 204 4.90 -24.78 -16.67
N GLU A 205 5.51 -25.78 -17.29
CA GLU A 205 4.77 -26.88 -17.90
C GLU A 205 4.09 -27.74 -16.82
N GLN A 206 4.70 -27.79 -15.65
CA GLN A 206 4.15 -28.54 -14.53
C GLN A 206 2.86 -27.91 -14.03
N ILE A 207 2.82 -26.58 -14.06
CA ILE A 207 1.65 -25.84 -13.62
C ILE A 207 0.50 -26.01 -14.61
N VAL A 208 0.80 -25.88 -15.90
CA VAL A 208 -0.18 -26.05 -16.96
C VAL A 208 -0.78 -27.46 -16.92
N ARG A 209 0.06 -28.43 -16.60
CA ARG A 209 -0.39 -29.82 -16.46
C ARG A 209 -1.40 -29.94 -15.32
N LEU A 210 -1.14 -29.26 -14.20
CA LEU A 210 -2.04 -29.28 -13.06
C LEU A 210 -3.37 -28.62 -13.38
N ILE A 211 -3.33 -27.56 -14.19
CA ILE A 211 -4.53 -26.84 -14.57
C ILE A 211 -5.47 -27.72 -15.39
N SER A 212 -4.90 -28.47 -16.34
CA SER A 212 -5.70 -29.33 -17.20
C SER A 212 -6.25 -30.54 -16.47
N GLU A 213 -5.67 -30.85 -15.31
CA GLU A 213 -6.10 -31.99 -14.52
C GLU A 213 -7.00 -31.58 -13.35
N SER A 214 -7.26 -30.28 -13.24
CA SER A 214 -8.10 -29.77 -12.16
C SER A 214 -9.55 -29.59 -12.62
N LYS A 215 -10.44 -29.40 -11.66
CA LYS A 215 -11.84 -29.16 -11.96
C LYS A 215 -12.41 -28.01 -11.14
N LYS A 216 -11.67 -27.63 -10.09
CA LYS A 216 -12.07 -26.51 -9.24
C LYS A 216 -10.91 -25.56 -8.95
N PRO A 217 -10.35 -24.92 -9.99
CA PRO A 217 -9.19 -24.05 -9.77
C PRO A 217 -9.57 -22.65 -9.28
N VAL A 218 -8.72 -22.07 -8.45
CA VAL A 218 -8.93 -20.72 -7.94
C VAL A 218 -7.63 -19.92 -7.98
N LEU A 219 -7.71 -18.69 -8.46
CA LEU A 219 -6.54 -17.80 -8.46
C LEU A 219 -6.46 -17.01 -7.15
N TYR A 220 -5.30 -17.09 -6.50
CA TYR A 220 -5.04 -16.42 -5.24
C TYR A 220 -4.01 -15.32 -5.48
N VAL A 221 -4.50 -14.12 -5.80
CA VAL A 221 -3.67 -13.02 -6.28
C VAL A 221 -3.39 -11.95 -5.22
N GLY A 222 -2.15 -11.48 -5.16
CA GLY A 222 -1.77 -10.48 -4.18
C GLY A 222 -0.93 -9.34 -4.71
N GLY A 223 -0.25 -8.64 -3.80
CA GLY A 223 0.53 -7.47 -4.15
C GLY A 223 1.65 -7.69 -5.14
N GLY A 224 2.05 -8.95 -5.31
CA GLY A 224 3.10 -9.29 -6.26
C GLY A 224 2.67 -9.19 -7.71
N CYS A 225 1.36 -9.03 -7.95
CA CYS A 225 0.83 -8.98 -9.31
C CYS A 225 0.54 -7.56 -9.79
N LEU A 226 0.96 -6.55 -9.02
CA LEU A 226 0.61 -5.17 -9.32
C LEU A 226 1.21 -4.67 -10.63
N ASN A 227 2.25 -5.34 -11.11
CA ASN A 227 2.87 -4.99 -12.39
C ASN A 227 2.55 -6.02 -13.48
N SER A 228 1.63 -6.93 -13.19
CA SER A 228 1.30 -8.00 -14.12
C SER A 228 -0.17 -7.96 -14.54
N SER A 229 -0.73 -6.76 -14.57
CA SER A 229 -2.15 -6.57 -14.90
C SER A 229 -2.51 -7.16 -16.27
N ASP A 230 -1.71 -6.84 -17.27
CA ASP A 230 -1.96 -7.32 -18.63
C ASP A 230 -1.78 -8.83 -18.75
N GLU A 231 -0.71 -9.34 -18.14
CA GLU A 231 -0.38 -10.75 -18.21
C GLU A 231 -1.41 -11.61 -17.47
N LEU A 232 -1.86 -11.12 -16.32
CA LEU A 232 -2.86 -11.84 -15.53
C LEU A 232 -4.19 -11.90 -16.26
N GLY A 233 -4.57 -10.81 -16.90
CA GLY A 233 -5.80 -10.75 -17.66
C GLY A 233 -5.78 -11.72 -18.83
N ARG A 234 -4.64 -11.81 -19.49
CA ARG A 234 -4.46 -12.75 -20.60
C ARG A 234 -4.55 -14.18 -20.10
N PHE A 235 -3.98 -14.42 -18.92
CA PHE A 235 -3.99 -15.74 -18.30
C PHE A 235 -5.42 -16.20 -18.00
N VAL A 236 -6.22 -15.29 -17.44
CA VAL A 236 -7.59 -15.60 -17.08
C VAL A 236 -8.44 -15.92 -18.32
N GLU A 237 -8.20 -15.18 -19.40
CA GLU A 237 -8.91 -15.41 -20.66
C GLU A 237 -8.66 -16.81 -21.20
N LEU A 238 -7.43 -17.29 -21.06
CA LEU A 238 -7.01 -18.57 -21.60
C LEU A 238 -7.44 -19.74 -20.73
N THR A 239 -7.69 -19.48 -19.45
CA THR A 239 -8.01 -20.56 -18.51
C THR A 239 -9.46 -20.51 -18.03
N GLY A 240 -9.97 -19.31 -17.77
CA GLY A 240 -11.31 -19.14 -17.24
C GLY A 240 -11.35 -19.40 -15.75
N ILE A 241 -10.19 -19.33 -15.11
CA ILE A 241 -10.08 -19.54 -13.67
C ILE A 241 -10.48 -18.30 -12.89
N PRO A 242 -11.45 -18.44 -11.96
CA PRO A 242 -11.93 -17.32 -11.15
C PRO A 242 -10.83 -16.73 -10.27
N VAL A 243 -10.91 -15.42 -10.02
CA VAL A 243 -9.82 -14.71 -9.34
C VAL A 243 -10.23 -14.17 -7.97
N ALA A 244 -9.44 -14.49 -6.96
CA ALA A 244 -9.63 -13.94 -5.62
C ALA A 244 -8.38 -13.16 -5.20
N SER A 245 -8.56 -11.91 -4.78
CA SER A 245 -7.43 -11.06 -4.44
C SER A 245 -7.27 -10.85 -2.94
N THR A 246 -6.08 -10.42 -2.54
CA THR A 246 -5.84 -9.99 -1.17
C THR A 246 -6.11 -8.50 -1.04
N LEU A 247 -5.95 -7.97 0.16
CA LEU A 247 -6.10 -6.54 0.41
C LEU A 247 -5.07 -5.76 -0.41
N MET A 248 -3.91 -6.38 -0.62
CA MET A 248 -2.81 -5.71 -1.30
C MET A 248 -2.86 -5.89 -2.82
N GLY A 249 -3.68 -6.82 -3.30
CA GLY A 249 -3.72 -7.14 -4.72
C GLY A 249 -4.93 -6.62 -5.46
N LEU A 250 -5.75 -5.80 -4.78
CA LEU A 250 -6.95 -5.25 -5.40
C LEU A 250 -6.63 -4.42 -6.64
N GLY A 251 -7.25 -4.77 -7.76
CA GLY A 251 -7.06 -4.03 -8.99
C GLY A 251 -6.22 -4.75 -10.01
N SER A 252 -5.41 -5.71 -9.56
CA SER A 252 -4.59 -6.52 -10.46
C SER A 252 -5.50 -7.20 -11.49
N TYR A 253 -6.62 -7.70 -11.01
CA TYR A 253 -7.70 -8.15 -11.88
C TYR A 253 -8.93 -7.31 -11.57
N PRO A 254 -9.61 -6.81 -12.61
CA PRO A 254 -10.78 -5.95 -12.47
C PRO A 254 -11.84 -6.53 -11.53
N ASP A 256 -14.88 -5.57 -11.03
CA ASP A 256 -16.21 -5.54 -11.62
C ASP A 256 -16.38 -6.64 -12.68
N ASP A 257 -15.31 -7.39 -12.91
CA ASP A 257 -15.33 -8.44 -13.93
C ASP A 257 -16.15 -9.65 -13.46
N GLU A 258 -16.61 -10.44 -14.43
CA GLU A 258 -17.48 -11.58 -14.17
C GLU A 258 -16.77 -12.68 -13.38
N LEU A 259 -15.49 -12.89 -13.67
CA LEU A 259 -14.73 -13.97 -13.02
C LEU A 259 -14.07 -13.51 -11.73
N SER A 260 -14.37 -12.30 -11.28
CA SER A 260 -13.80 -11.77 -10.05
C SER A 260 -14.56 -12.25 -8.82
N LEU A 261 -13.84 -12.90 -7.91
CA LEU A 261 -14.42 -13.35 -6.64
C LEU A 261 -14.19 -12.30 -5.56
N HIS A 262 -13.67 -11.15 -5.97
CA HIS A 262 -13.32 -10.06 -5.06
C HIS A 262 -12.29 -10.51 -4.02
N MET A 263 -12.33 -9.89 -2.84
CA MET A 263 -11.34 -10.15 -1.80
C MET A 263 -11.67 -11.38 -0.96
N LEU A 264 -10.65 -12.14 -0.60
CA LEU A 264 -10.79 -13.24 0.35
C LEU A 264 -10.19 -12.86 1.70
N GLY A 265 -10.37 -13.73 2.69
CA GLY A 265 -9.75 -13.52 3.99
C GLY A 265 -10.73 -13.27 5.12
N MET A 266 -10.24 -12.62 6.17
CA MET A 266 -11.02 -12.37 7.38
C MET A 266 -12.30 -11.59 7.08
N HIS A 267 -12.19 -10.57 6.24
CA HIS A 267 -13.35 -9.81 5.84
C HIS A 267 -13.57 -9.91 4.33
N GLY A 268 -13.17 -11.03 3.76
CA GLY A 268 -13.40 -11.30 2.36
C GLY A 268 -14.82 -11.77 2.12
N THR A 269 -15.23 -11.82 0.85
CA THR A 269 -16.57 -12.28 0.50
C THR A 269 -16.74 -13.77 0.79
N VAL A 270 -17.96 -14.17 1.07
CA VAL A 270 -18.27 -15.56 1.40
C VAL A 270 -17.91 -16.49 0.24
N TYR A 271 -18.18 -16.07 -0.99
CA TYR A 271 -17.94 -16.91 -2.15
C TYR A 271 -16.44 -17.02 -2.49
N ALA A 272 -15.66 -16.00 -2.13
CA ALA A 272 -14.22 -16.06 -2.35
C ALA A 272 -13.59 -17.08 -1.40
N ASN A 273 -13.95 -17.00 -0.12
CA ASN A 273 -13.47 -17.94 0.86
C ASN A 273 -13.99 -19.35 0.60
N TYR A 274 -15.20 -19.44 0.03
CA TYR A 274 -15.78 -20.72 -0.33
C TYR A 274 -14.97 -21.38 -1.44
N ALA A 275 -14.61 -20.59 -2.45
CA ALA A 275 -13.85 -21.09 -3.58
C ALA A 275 -12.53 -21.73 -3.15
N VAL A 276 -11.79 -21.02 -2.29
CA VAL A 276 -10.53 -21.52 -1.78
C VAL A 276 -10.74 -22.76 -0.92
N GLU A 277 -11.81 -22.75 -0.12
CA GLU A 277 -12.13 -23.86 0.77
C GLU A 277 -12.38 -25.17 0.02
N HIS A 278 -13.00 -25.06 -1.15
CA HIS A 278 -13.39 -26.25 -1.90
C HIS A 278 -12.59 -26.44 -3.18
N SER A 279 -11.54 -25.64 -3.36
CA SER A 279 -10.69 -25.75 -4.54
C SER A 279 -9.87 -27.03 -4.53
N ASP A 280 -9.48 -27.50 -5.71
CA ASP A 280 -8.58 -28.64 -5.82
C ASP A 280 -7.25 -28.18 -6.41
N LEU A 281 -7.22 -26.91 -6.82
CA LEU A 281 -6.00 -26.28 -7.33
C LEU A 281 -5.96 -24.81 -6.93
N LEU A 282 -4.95 -24.43 -6.16
CA LEU A 282 -4.81 -23.05 -5.71
C LEU A 282 -3.58 -22.40 -6.34
N LEU A 283 -3.81 -21.42 -7.20
CA LEU A 283 -2.73 -20.72 -7.87
C LEU A 283 -2.36 -19.45 -7.10
N ALA A 284 -1.40 -19.58 -6.18
CA ALA A 284 -0.99 -18.48 -5.32
C ALA A 284 0.09 -17.62 -5.99
N PHE A 285 -0.34 -16.55 -6.64
CA PHE A 285 0.58 -15.69 -7.39
C PHE A 285 0.82 -14.35 -6.68
N GLY A 286 2.05 -14.12 -6.23
CA GLY A 286 2.42 -12.87 -5.60
C GLY A 286 1.76 -12.64 -4.25
N VAL A 287 1.67 -13.70 -3.46
CA VAL A 287 1.08 -13.62 -2.13
C VAL A 287 2.03 -14.20 -1.08
N ARG A 288 1.71 -14.00 0.19
CA ARG A 288 2.57 -14.50 1.26
C ARG A 288 1.81 -15.25 2.36
N PHE A 289 0.59 -15.68 2.03
CA PHE A 289 -0.21 -16.50 2.95
C PHE A 289 -0.33 -15.90 4.35
N ASP A 290 -0.79 -14.66 4.42
CA ASP A 290 -0.92 -13.95 5.69
C ASP A 290 -2.05 -14.56 6.55
N ASP A 291 -1.96 -14.37 7.86
CA ASP A 291 -2.94 -14.94 8.78
C ASP A 291 -4.33 -14.32 8.62
N ARG A 292 -4.39 -13.09 8.10
CA ARG A 292 -5.67 -12.45 7.81
C ARG A 292 -6.40 -13.21 6.72
N VAL A 293 -5.63 -13.87 5.86
CA VAL A 293 -6.18 -14.58 4.71
C VAL A 293 -6.51 -16.05 5.03
N THR A 294 -5.56 -16.73 5.66
CA THR A 294 -5.65 -18.18 5.81
C THR A 294 -6.44 -18.64 7.02
N GLY A 295 -6.31 -17.93 8.14
CA GLY A 295 -6.88 -18.40 9.39
C GLY A 295 -6.09 -19.62 9.83
N LYS A 296 -6.78 -20.67 10.24
CA LYS A 296 -6.11 -21.90 10.60
C LYS A 296 -5.51 -22.54 9.35
N LEU A 297 -4.18 -22.57 9.30
CA LEU A 297 -3.44 -23.02 8.12
C LEU A 297 -3.80 -24.42 7.64
N GLU A 298 -4.01 -25.33 8.59
CA GLU A 298 -4.30 -26.72 8.27
C GLU A 298 -5.65 -26.87 7.58
N ALA A 299 -6.50 -25.86 7.72
CA ALA A 299 -7.84 -25.88 7.13
C ALA A 299 -7.91 -25.05 5.86
N PHE A 300 -6.87 -24.26 5.60
CA PHE A 300 -6.81 -23.38 4.45
C PHE A 300 -6.45 -24.15 3.18
N ALA A 301 -7.38 -24.19 2.23
CA ALA A 301 -7.19 -24.90 0.97
C ALA A 301 -6.75 -26.35 1.20
N SER A 302 -7.41 -27.01 2.14
CA SER A 302 -7.02 -28.34 2.59
C SER A 302 -7.17 -29.42 1.52
N ARG A 303 -8.03 -29.17 0.53
CA ARG A 303 -8.29 -30.15 -0.52
C ARG A 303 -7.69 -29.74 -1.85
N ALA A 304 -6.70 -28.84 -1.81
CA ALA A 304 -6.15 -28.27 -3.03
C ALA A 304 -4.65 -28.55 -3.21
N LYS A 305 -4.25 -28.79 -4.46
CA LYS A 305 -2.84 -28.79 -4.81
C LYS A 305 -2.40 -27.32 -4.95
N ILE A 306 -1.38 -26.94 -4.20
CA ILE A 306 -1.02 -25.54 -4.09
C ILE A 306 0.16 -25.16 -4.98
N VAL A 307 -0.04 -24.16 -5.81
CA VAL A 307 1.02 -23.61 -6.63
C VAL A 307 1.39 -22.22 -6.12
N HIS A 308 2.67 -22.02 -5.81
CA HIS A 308 3.12 -20.75 -5.24
C HIS A 308 4.24 -20.14 -6.07
N ILE A 309 3.99 -18.96 -6.62
CA ILE A 309 5.00 -18.21 -7.37
C ILE A 309 5.37 -16.94 -6.63
N ASP A 310 6.58 -16.89 -6.09
CA ASP A 310 7.04 -15.74 -5.32
C ASP A 310 8.49 -15.40 -5.68
N ILE A 311 8.82 -14.12 -5.67
CA ILE A 311 10.16 -13.69 -6.02
C ILE A 311 11.09 -13.79 -4.81
N ASP A 312 10.50 -14.01 -3.64
CA ASP A 312 11.25 -14.20 -2.40
C ASP A 312 11.21 -15.67 -2.01
N SER A 313 12.35 -16.35 -2.12
CA SER A 313 12.44 -17.77 -1.82
C SER A 313 12.10 -18.09 -0.36
N ALA A 314 12.27 -17.11 0.51
CA ALA A 314 12.00 -17.27 1.93
C ALA A 314 10.50 -17.37 2.22
N GLU A 315 9.70 -16.96 1.25
CA GLU A 315 8.25 -17.00 1.39
C GLU A 315 7.68 -18.34 0.94
N ILE A 316 8.41 -19.04 0.09
CA ILE A 316 7.94 -20.30 -0.46
C ILE A 316 8.14 -21.44 0.52
N GLY A 317 7.06 -21.84 1.19
CA GLY A 317 7.11 -22.92 2.15
C GLY A 317 7.13 -22.44 3.59
N LYS A 318 6.92 -21.14 3.78
CA LYS A 318 6.97 -20.55 5.12
C LYS A 318 5.79 -20.97 5.97
N ASN A 319 4.58 -20.69 5.48
CA ASN A 319 3.36 -21.02 6.21
C ASN A 319 2.71 -22.30 5.68
N LYS A 320 2.43 -22.34 4.39
CA LYS A 320 1.91 -23.55 3.76
C LYS A 320 2.89 -24.11 2.73
N THR A 321 3.03 -25.43 2.72
CA THR A 321 3.94 -26.08 1.79
C THR A 321 3.26 -26.35 0.45
N PRO A 322 3.77 -25.73 -0.62
CA PRO A 322 3.20 -25.89 -1.96
C PRO A 322 3.63 -27.21 -2.61
N HIS A 323 2.77 -27.77 -3.45
CA HIS A 323 3.10 -28.97 -4.20
C HIS A 323 3.99 -28.60 -5.38
N VAL A 324 3.73 -27.42 -5.93
CA VAL A 324 4.50 -26.89 -7.05
C VAL A 324 4.84 -25.43 -6.77
N SER A 325 6.08 -25.04 -7.06
CA SER A 325 6.50 -23.67 -6.79
C SER A 325 7.41 -23.12 -7.88
N VAL A 326 7.43 -21.80 -8.00
CA VAL A 326 8.35 -21.11 -8.90
C VAL A 326 8.92 -19.90 -8.17
N CYS A 327 10.25 -19.86 -8.06
CA CYS A 327 10.90 -18.70 -7.46
C CYS A 327 11.35 -17.73 -8.53
N GLY A 328 10.55 -16.70 -8.76
CA GLY A 328 10.86 -15.70 -9.77
C GLY A 328 9.74 -14.70 -9.98
N ASP A 329 9.92 -13.85 -11.00
CA ASP A 329 8.94 -12.82 -11.34
C ASP A 329 7.65 -13.44 -11.88
N VAL A 330 6.53 -13.15 -11.22
CA VAL A 330 5.24 -13.70 -11.64
C VAL A 330 4.83 -13.14 -13.00
N LYS A 331 5.35 -11.96 -13.33
CA LYS A 331 5.10 -11.34 -14.62
C LYS A 331 5.68 -12.20 -15.75
N LEU A 332 6.90 -12.70 -15.52
CA LEU A 332 7.57 -13.55 -16.50
C LEU A 332 6.94 -14.93 -16.55
N ALA A 333 6.51 -15.43 -15.40
CA ALA A 333 5.88 -16.75 -15.31
C ALA A 333 4.56 -16.76 -16.08
N LEU A 334 3.79 -15.69 -15.94
CA LEU A 334 2.53 -15.55 -16.66
C LEU A 334 2.76 -15.50 -18.16
N GLN A 335 3.78 -14.76 -18.58
CA GLN A 335 4.12 -14.66 -20.00
C GLN A 335 4.46 -16.01 -20.60
N GLY A 336 5.22 -16.81 -19.85
CA GLY A 336 5.62 -18.12 -20.30
C GLY A 336 4.45 -19.07 -20.41
N MET A 337 3.56 -19.02 -19.43
CA MET A 337 2.40 -19.90 -19.41
C MET A 337 1.37 -19.51 -20.46
N ASN A 338 1.24 -18.21 -20.72
CA ASN A 338 0.31 -17.73 -21.73
C ASN A 338 0.65 -18.24 -23.13
N LYS A 339 1.94 -18.31 -23.44
CA LYS A 339 2.39 -18.80 -24.73
C LYS A 339 2.05 -20.28 -24.90
N VAL A 340 2.19 -21.05 -23.81
CA VAL A 340 1.87 -22.47 -23.83
C VAL A 340 0.37 -22.69 -23.90
N LEU A 341 -0.37 -21.91 -23.11
CA LEU A 341 -1.82 -22.04 -23.07
C LEU A 341 -2.48 -21.62 -24.38
N GLU A 342 -1.77 -20.84 -25.18
CA GLU A 342 -2.29 -20.39 -26.46
C GLU A 342 -1.96 -21.38 -27.58
N ASN A 343 -0.75 -21.93 -27.54
CA ASN A 343 -0.31 -22.88 -28.57
C ASN A 343 -0.92 -24.25 -28.38
N ARG A 344 -1.41 -24.54 -27.17
CA ARG A 344 -2.02 -25.82 -26.88
C ARG A 344 -3.48 -25.66 -26.46
N ALA A 345 -4.11 -24.59 -26.94
CA ALA A 345 -5.49 -24.27 -26.56
C ALA A 345 -6.47 -25.32 -27.08
N GLU A 346 -6.29 -25.76 -28.32
CA GLU A 346 -7.17 -26.76 -28.91
C GLU A 346 -6.93 -28.14 -28.28
N GLU A 347 -5.69 -28.41 -27.91
CA GLU A 347 -5.33 -29.65 -27.25
C GLU A 347 -5.89 -29.71 -25.83
N LEU A 348 -5.87 -28.57 -25.14
CA LEU A 348 -6.41 -28.48 -23.79
C LEU A 348 -7.77 -27.82 -23.77
N LYS A 349 -8.83 -28.62 -23.84
CA LYS A 349 -10.19 -28.10 -23.82
C LYS A 349 -10.56 -27.64 -22.40
N LEU A 350 -9.94 -26.55 -21.97
CA LEU A 350 -10.15 -26.03 -20.62
C LEU A 350 -11.54 -25.44 -20.46
N ASP A 351 -12.32 -26.03 -19.55
CA ASP A 351 -13.67 -25.56 -19.29
C ASP A 351 -14.05 -25.80 -17.83
N PHE A 352 -13.99 -24.75 -17.03
CA PHE A 352 -14.37 -24.84 -15.62
C PHE A 352 -15.73 -24.19 -15.40
N GLY A 353 -16.62 -24.32 -16.38
CA GLY A 353 -17.93 -23.71 -16.32
C GLY A 353 -18.80 -24.23 -15.19
N VAL A 354 -18.65 -25.51 -14.87
CA VAL A 354 -19.41 -26.13 -13.79
C VAL A 354 -18.98 -25.57 -12.44
N TRP A 355 -17.67 -25.42 -12.27
CA TRP A 355 -17.09 -24.86 -11.05
C TRP A 355 -17.47 -23.39 -10.91
N ARG A 356 -17.44 -22.65 -12.02
CA ARG A 356 -17.79 -21.24 -11.99
C ARG A 356 -19.27 -21.05 -11.67
N ASN A 357 -20.09 -21.96 -12.15
CA ASN A 357 -21.53 -21.92 -11.86
C ASN A 357 -21.81 -22.19 -10.40
N GLU A 358 -21.03 -23.09 -9.80
CA GLU A 358 -21.15 -23.41 -8.38
C GLU A 358 -20.83 -22.20 -7.52
N LEU A 359 -19.84 -21.42 -7.95
CA LEU A 359 -19.44 -20.22 -7.23
C LEU A 359 -20.47 -19.11 -7.42
N ASN A 360 -21.06 -19.05 -8.61
CA ASN A 360 -22.09 -18.04 -8.90
C ASN A 360 -23.33 -18.23 -8.03
N VAL A 361 -23.58 -19.47 -7.63
CA VAL A 361 -24.67 -19.78 -6.72
C VAL A 361 -24.37 -19.20 -5.33
N GLN A 362 -23.12 -19.37 -4.89
CA GLN A 362 -22.68 -18.82 -3.62
C GLN A 362 -22.67 -17.29 -3.66
N LYS A 363 -22.35 -16.74 -4.83
CA LYS A 363 -22.34 -15.30 -5.01
C LYS A 363 -23.77 -14.75 -5.00
N GLN A 364 -24.72 -15.61 -5.35
CA GLN A 364 -26.12 -15.23 -5.39
C GLN A 364 -26.74 -15.32 -3.99
N LYS A 365 -26.35 -16.34 -3.24
CA LYS A 365 -26.94 -16.58 -1.92
C LYS A 365 -26.23 -15.81 -0.81
N PHE A 366 -24.95 -15.47 -1.03
CA PHE A 366 -24.21 -14.72 -0.03
C PHE A 366 -23.43 -13.54 -0.61
N PRO A 367 -24.15 -12.52 -1.11
CA PRO A 367 -23.47 -11.34 -1.65
C PRO A 367 -23.13 -10.33 -0.57
N LEU A 368 -22.28 -9.37 -0.90
CA LEU A 368 -21.99 -8.26 -0.01
C LEU A 368 -23.27 -7.44 0.23
N SER A 369 -23.58 -7.16 1.49
CA SER A 369 -24.83 -6.48 1.81
C SER A 369 -24.68 -5.49 2.95
N PHE A 370 -25.69 -4.63 3.09
CA PHE A 370 -25.74 -3.65 4.17
C PHE A 370 -27.18 -3.20 4.39
N LYS A 371 -27.46 -2.66 5.56
CA LYS A 371 -28.80 -2.18 5.88
C LYS A 371 -28.86 -0.66 5.79
N THR A 372 -30.04 -0.15 5.48
CA THR A 372 -30.27 1.30 5.47
C THR A 372 -31.29 1.68 6.53
N PHE A 373 -30.83 2.35 7.58
CA PHE A 373 -31.71 2.71 8.69
C PHE A 373 -32.21 4.14 8.56
N GLY A 374 -33.48 4.28 8.15
CA GLY A 374 -34.09 5.57 8.00
C GLY A 374 -33.36 6.47 7.03
N GLU A 375 -32.94 7.64 7.51
CA GLU A 375 -32.22 8.59 6.66
C GLU A 375 -30.73 8.61 6.99
N ALA A 376 -30.31 7.75 7.92
CA ALA A 376 -28.90 7.64 8.29
C ALA A 376 -28.09 7.14 7.10
N ILE A 377 -26.86 7.62 6.98
CA ILE A 377 -26.01 7.28 5.85
C ILE A 377 -25.22 5.99 6.09
N PRO A 378 -25.46 4.97 5.26
CA PRO A 378 -24.63 3.77 5.29
C PRO A 378 -23.28 4.03 4.64
N PRO A 379 -22.19 3.84 5.39
CA PRO A 379 -20.84 4.07 4.84
C PRO A 379 -20.58 3.23 3.58
N GLN A 380 -21.10 2.00 3.57
CA GLN A 380 -20.97 1.14 2.40
C GLN A 380 -21.59 1.80 1.18
N TYR A 381 -22.76 2.41 1.36
CA TYR A 381 -23.47 3.09 0.28
C TYR A 381 -22.73 4.33 -0.19
N ALA A 382 -22.13 5.06 0.73
CA ALA A 382 -21.39 6.28 0.40
C ALA A 382 -20.23 5.96 -0.53
N ILE A 383 -19.52 4.87 -0.24
CA ILE A 383 -18.40 4.44 -1.04
C ILE A 383 -18.87 3.93 -2.40
N LYS A 384 -20.04 3.30 -2.42
CA LYS A 384 -20.62 2.79 -3.66
C LYS A 384 -21.01 3.95 -4.58
N VAL A 385 -21.46 5.06 -3.99
CA VAL A 385 -21.83 6.24 -4.75
C VAL A 385 -20.58 6.90 -5.34
N LEU A 386 -19.51 6.93 -4.55
CA LEU A 386 -18.23 7.47 -5.00
C LEU A 386 -17.72 6.68 -6.22
N ASP A 387 -17.92 5.37 -6.18
CA ASP A 387 -17.52 4.49 -7.27
C ASP A 387 -18.24 4.91 -8.56
N GLU A 388 -19.54 5.09 -8.48
CA GLU A 388 -20.36 5.46 -9.63
C GLU A 388 -19.96 6.83 -10.20
N LEU A 389 -19.77 7.80 -9.31
CA LEU A 389 -19.50 9.17 -9.73
C LEU A 389 -18.08 9.37 -10.25
N THR A 390 -17.17 8.47 -9.88
CA THR A 390 -15.79 8.54 -10.36
C THR A 390 -15.54 7.48 -11.43
N ASP A 391 -16.57 6.69 -11.72
CA ASP A 391 -16.51 5.63 -12.73
C ASP A 391 -15.41 4.61 -12.42
N GLY A 392 -15.12 4.43 -11.13
CA GLY A 392 -14.15 3.44 -10.69
C GLY A 392 -12.73 3.72 -11.14
N LYS A 393 -12.46 4.96 -11.53
CA LYS A 393 -11.15 5.32 -12.07
C LYS A 393 -10.32 6.14 -11.08
N ALA A 394 -10.85 6.34 -9.88
CA ALA A 394 -10.19 7.18 -8.89
C ALA A 394 -9.10 6.44 -8.12
N ILE A 395 -8.12 7.19 -7.63
CA ILE A 395 -7.11 6.65 -6.74
C ILE A 395 -7.62 6.78 -5.30
N ILE A 396 -7.66 5.66 -4.60
CA ILE A 396 -8.23 5.63 -3.26
C ILE A 396 -7.20 5.27 -2.21
N SER A 397 -6.93 6.21 -1.29
CA SER A 397 -6.11 5.93 -0.12
C SER A 397 -7.03 5.89 1.09
N THR A 398 -6.71 5.04 2.06
CA THR A 398 -7.57 4.91 3.23
C THR A 398 -6.76 4.94 4.52
N GLY A 399 -7.48 5.03 5.64
CA GLY A 399 -6.88 4.84 6.94
C GLY A 399 -6.89 3.37 7.28
N VAL A 400 -7.11 3.05 8.54
CA VAL A 400 -7.18 1.67 9.00
C VAL A 400 -8.36 1.51 9.93
N GLY A 401 -9.14 0.46 9.71
CA GLY A 401 -10.32 0.20 10.52
C GLY A 401 -11.49 -0.28 9.69
N GLN A 402 -12.70 0.00 10.17
CA GLN A 402 -13.91 -0.43 9.48
C GLN A 402 -14.03 0.21 8.10
N HIS A 403 -13.78 1.51 8.03
CA HIS A 403 -13.89 2.24 6.77
C HIS A 403 -12.90 1.72 5.74
N GLN A 404 -11.78 1.20 6.21
CA GLN A 404 -10.77 0.62 5.33
C GLN A 404 -11.33 -0.60 4.61
N MET A 405 -12.03 -1.44 5.36
CA MET A 405 -12.60 -2.66 4.81
C MET A 405 -13.73 -2.37 3.84
N TRP A 406 -14.58 -1.41 4.19
CA TRP A 406 -15.70 -1.02 3.34
C TRP A 406 -15.22 -0.39 2.04
N ALA A 407 -14.10 0.33 2.11
CA ALA A 407 -13.51 0.95 0.93
C ALA A 407 -12.93 -0.12 0.00
N ALA A 408 -12.54 -1.24 0.59
CA ALA A 408 -11.99 -2.36 -0.17
C ALA A 408 -13.11 -3.26 -0.71
N GLN A 409 -14.24 -3.26 -0.02
CA GLN A 409 -15.36 -4.12 -0.39
C GLN A 409 -16.30 -3.49 -1.41
N PHE A 410 -16.56 -2.19 -1.26
CA PHE A 410 -17.62 -1.54 -2.03
C PHE A 410 -17.13 -0.56 -3.08
N TYR A 411 -15.85 -0.67 -3.45
CA TYR A 411 -15.31 0.07 -4.57
C TYR A 411 -14.64 -0.89 -5.53
N ASN A 412 -15.06 -0.87 -6.79
CA ASN A 412 -14.52 -1.81 -7.77
C ASN A 412 -13.36 -1.20 -8.55
N TYR A 413 -12.15 -1.50 -8.11
CA TYR A 413 -10.94 -0.98 -8.74
C TYR A 413 -10.65 -1.72 -10.04
N LYS A 414 -10.49 -0.96 -11.12
CA LYS A 414 -10.35 -1.53 -12.45
C LYS A 414 -8.89 -1.81 -12.81
N LYS A 415 -7.98 -1.03 -12.23
CA LYS A 415 -6.56 -1.17 -12.49
C LYS A 415 -5.78 -1.25 -11.19
N PRO A 416 -4.55 -1.81 -11.25
CA PRO A 416 -3.71 -1.79 -10.05
C PRO A 416 -3.21 -0.39 -9.73
N ARG A 417 -2.74 -0.20 -8.49
CA ARG A 417 -2.20 1.07 -8.01
C ARG A 417 -3.26 2.18 -7.98
N GLN A 418 -4.52 1.78 -7.87
CA GLN A 418 -5.60 2.71 -7.52
C GLN A 418 -5.84 2.63 -6.02
N TRP A 419 -5.55 1.45 -5.47
CA TRP A 419 -5.80 1.13 -4.07
C TRP A 419 -4.55 1.29 -3.24
N LEU A 420 -4.55 2.31 -2.38
CA LEU A 420 -3.40 2.58 -1.50
C LEU A 420 -3.81 2.44 -0.05
N SER A 421 -3.29 1.40 0.61
CA SER A 421 -3.73 1.11 1.97
C SER A 421 -2.68 0.34 2.75
N SER A 422 -2.56 0.63 4.04
CA SER A 422 -1.62 -0.05 4.92
C SER A 422 -2.17 -1.42 5.33
N GLY A 423 -1.56 -2.48 4.80
CA GLY A 423 -2.07 -3.81 5.00
C GLY A 423 -1.35 -4.62 6.07
N GLY A 424 -0.03 -4.74 5.93
CA GLY A 424 0.76 -5.54 6.85
C GLY A 424 0.85 -4.95 8.25
N LEU A 425 1.20 -3.67 8.31
CA LEU A 425 1.34 -2.98 9.59
C LEU A 425 -0.01 -2.41 10.05
N GLY A 426 -0.79 -1.93 9.10
CA GLY A 426 -2.08 -1.34 9.41
C GLY A 426 -1.93 -0.08 10.24
N ALA A 427 -1.22 0.90 9.69
CA ALA A 427 -0.92 2.13 10.40
C ALA A 427 -1.98 3.21 10.18
N MET A 428 -2.56 3.70 11.26
CA MET A 428 -3.49 4.83 11.19
C MET A 428 -2.75 6.11 10.82
N GLY A 429 -3.47 7.06 10.24
CA GLY A 429 -2.89 8.34 9.84
C GLY A 429 -2.15 8.23 8.52
N PHE A 430 -2.40 7.13 7.80
CA PHE A 430 -1.74 6.85 6.54
C PHE A 430 -2.47 7.47 5.35
N GLY A 431 -3.79 7.54 5.46
CA GLY A 431 -4.64 7.93 4.35
C GLY A 431 -4.35 9.29 3.73
N LEU A 432 -4.41 10.32 4.55
CA LEU A 432 -4.20 11.69 4.07
C LEU A 432 -2.80 11.92 3.47
N PRO A 433 -1.73 11.51 4.18
CA PRO A 433 -0.41 11.72 3.56
C PRO A 433 -0.21 10.91 2.27
N ALA A 434 -0.73 9.69 2.24
CA ALA A 434 -0.57 8.83 1.05
C ALA A 434 -1.27 9.45 -0.15
N ALA A 435 -2.41 10.08 0.09
CA ALA A 435 -3.14 10.77 -0.96
C ALA A 435 -2.32 11.92 -1.52
N ILE A 436 -1.55 12.57 -0.65
CA ILE A 436 -0.68 13.66 -1.05
C ILE A 436 0.37 13.16 -2.03
N GLY A 437 1.06 12.08 -1.67
CA GLY A 437 2.08 11.50 -2.53
C GLY A 437 1.51 11.01 -3.84
N ALA A 438 0.29 10.46 -3.79
CA ALA A 438 -0.37 9.96 -4.98
C ALA A 438 -0.74 11.07 -5.94
N SER A 439 -1.20 12.20 -5.38
CA SER A 439 -1.61 13.34 -6.19
C SER A 439 -0.41 14.02 -6.85
N VAL A 440 0.73 13.98 -6.17
CA VAL A 440 1.97 14.53 -6.72
C VAL A 440 2.46 13.66 -7.86
N ALA A 441 2.38 12.34 -7.69
CA ALA A 441 2.80 11.40 -8.72
C ALA A 441 1.80 11.37 -9.87
N ASN A 442 0.53 11.60 -9.57
CA ASN A 442 -0.53 11.57 -10.57
C ASN A 442 -1.36 12.85 -10.57
N PRO A 443 -0.83 13.92 -11.17
CA PRO A 443 -1.42 15.26 -11.15
C PRO A 443 -2.80 15.34 -11.80
N ASP A 444 -3.08 14.45 -12.75
CA ASP A 444 -4.33 14.52 -13.51
C ASP A 444 -5.37 13.53 -13.03
N ALA A 445 -5.05 12.78 -11.98
CA ALA A 445 -5.94 11.74 -11.48
C ALA A 445 -6.89 12.27 -10.41
N ILE A 446 -7.96 11.52 -10.16
CA ILE A 446 -8.88 11.81 -9.07
C ILE A 446 -8.41 11.08 -7.82
N VAL A 447 -7.91 11.83 -6.86
CA VAL A 447 -7.38 11.25 -5.63
C VAL A 447 -8.33 11.48 -4.46
N VAL A 448 -8.76 10.39 -3.84
CA VAL A 448 -9.72 10.48 -2.73
C VAL A 448 -9.23 9.71 -1.51
N ASP A 449 -9.16 10.40 -0.38
CA ASP A 449 -8.81 9.77 0.89
C ASP A 449 -10.07 9.37 1.65
N ILE A 450 -10.40 8.09 1.62
CA ILE A 450 -11.51 7.57 2.40
C ILE A 450 -11.00 7.26 3.81
N ASP A 451 -11.31 8.13 4.75
CA ASP A 451 -10.70 8.08 6.07
C ASP A 451 -11.72 7.96 7.19
N GLY A 452 -11.25 7.53 8.36
CA GLY A 452 -12.05 7.52 9.56
C GLY A 452 -11.63 8.69 10.43
N ASP A 453 -12.51 9.11 11.33
CA ASP A 453 -12.27 10.30 12.15
C ASP A 453 -11.09 10.10 13.11
N GLY A 454 -10.82 8.86 13.47
CA GLY A 454 -9.69 8.55 14.33
C GLY A 454 -8.37 8.61 13.58
N SER A 455 -8.36 8.02 12.38
CA SER A 455 -7.15 7.99 11.56
C SER A 455 -6.85 9.35 10.95
N PHE A 456 -7.91 10.07 10.57
CA PHE A 456 -7.76 11.36 9.91
C PHE A 456 -7.07 12.39 10.80
N ILE A 457 -7.45 12.43 12.07
CA ILE A 457 -6.94 13.47 12.96
C ILE A 457 -5.47 13.22 13.33
N MET A 458 -5.00 11.99 13.14
CA MET A 458 -3.64 11.63 13.51
C MET A 458 -2.58 12.40 12.73
N ASN A 459 -2.85 12.66 11.46
CA ASN A 459 -1.95 13.49 10.65
C ASN A 459 -2.71 14.62 9.97
N VAL A 460 -3.62 15.23 10.73
CA VAL A 460 -4.47 16.30 10.21
C VAL A 460 -3.64 17.52 9.78
N GLN A 461 -2.43 17.65 10.32
CA GLN A 461 -1.58 18.79 10.01
C GLN A 461 -1.17 18.83 8.55
N GLU A 462 -1.30 17.71 7.85
CA GLU A 462 -0.90 17.64 6.45
C GLU A 462 -1.91 18.34 5.54
N LEU A 463 -3.01 18.81 6.12
CA LEU A 463 -3.97 19.64 5.39
C LEU A 463 -3.30 20.93 4.93
N ALA A 464 -2.37 21.42 5.75
CA ALA A 464 -1.58 22.59 5.41
C ALA A 464 -0.75 22.33 4.15
N THR A 465 -0.15 21.16 4.10
CA THR A 465 0.64 20.73 2.94
C THR A 465 -0.18 20.73 1.66
N ILE A 466 -1.39 20.20 1.77
CA ILE A 466 -2.30 20.07 0.63
C ILE A 466 -2.64 21.43 0.02
N ARG A 467 -2.96 22.40 0.86
CA ARG A 467 -3.31 23.73 0.38
C ARG A 467 -2.10 24.44 -0.22
N VAL A 468 -0.98 24.41 0.49
CA VAL A 468 0.25 25.07 0.03
C VAL A 468 0.71 24.51 -1.32
N GLU A 469 0.62 23.19 -1.48
CA GLU A 469 1.06 22.54 -2.71
C GLU A 469 -0.04 22.54 -3.78
N ASN A 470 -1.22 23.03 -3.41
CA ASN A 470 -2.37 23.10 -4.32
C ASN A 470 -2.74 21.76 -4.95
N LEU A 471 -2.81 20.73 -4.12
CA LEU A 471 -3.12 19.38 -4.59
C LEU A 471 -4.63 19.12 -4.53
N PRO A 472 -5.21 18.62 -5.63
CA PRO A 472 -6.64 18.36 -5.71
C PRO A 472 -7.07 17.12 -4.91
N VAL A 473 -6.62 17.03 -3.66
CA VAL A 473 -6.94 15.89 -2.81
C VAL A 473 -8.35 16.00 -2.24
N LYS A 474 -9.16 14.97 -2.49
CA LYS A 474 -10.51 14.91 -1.92
C LYS A 474 -10.50 14.04 -0.68
N VAL A 475 -11.16 14.50 0.37
CA VAL A 475 -11.23 13.73 1.61
C VAL A 475 -12.67 13.28 1.88
N LEU A 476 -12.93 12.00 1.74
CA LEU A 476 -14.23 11.44 2.10
C LEU A 476 -14.14 10.88 3.52
N LEU A 477 -14.52 11.70 4.48
CA LEU A 477 -14.38 11.34 5.89
C LEU A 477 -15.62 10.62 6.41
N LEU A 478 -15.47 9.33 6.69
CA LEU A 478 -16.55 8.55 7.29
C LEU A 478 -16.48 8.69 8.81
N ASN A 479 -17.35 9.53 9.35
CA ASN A 479 -17.30 9.90 10.76
C ASN A 479 -18.33 9.17 11.61
N ASN A 480 -17.86 8.26 12.45
CA ASN A 480 -18.76 7.52 13.35
C ASN A 480 -18.48 7.81 14.82
N GLN A 481 -17.63 8.80 15.07
CA GLN A 481 -17.31 9.28 16.41
C GLN A 481 -16.66 8.23 17.31
N HIS A 482 -16.21 7.13 16.71
CA HIS A 482 -15.60 6.05 17.48
C HIS A 482 -14.41 5.43 16.77
N LEU A 483 -13.65 4.62 17.50
CA LEU A 483 -12.72 3.70 16.89
C LEU A 483 -13.51 2.46 16.51
N GLY A 484 -13.98 2.43 15.27
CA GLY A 484 -14.93 1.42 14.81
C GLY A 484 -14.58 -0.04 15.00
N MET A 485 -13.42 -0.45 14.48
CA MET A 485 -13.03 -1.86 14.49
C MET A 485 -12.82 -2.41 15.90
N VAL A 486 -12.13 -1.64 16.75
CA VAL A 486 -11.92 -2.03 18.14
C VAL A 486 -13.26 -2.14 18.85
N MET A 487 -14.13 -1.19 18.57
CA MET A 487 -15.48 -1.17 19.11
C MET A 487 -16.26 -2.41 18.69
N GLN A 488 -16.02 -2.85 17.45
CA GLN A 488 -16.65 -4.06 16.93
C GLN A 488 -16.19 -5.30 17.68
N TRP A 489 -14.89 -5.37 17.96
CA TRP A 489 -14.33 -6.47 18.73
C TRP A 489 -14.78 -6.45 20.18
N GLU A 490 -15.08 -5.26 20.69
CA GLU A 490 -15.63 -5.12 22.04
C GLU A 490 -17.02 -5.75 22.10
N ASP A 491 -17.79 -5.54 21.05
CA ASP A 491 -19.16 -6.04 20.99
C ASP A 491 -19.23 -7.57 20.94
N ARG A 492 -18.23 -8.18 20.29
CA ARG A 492 -18.27 -9.62 20.08
C ARG A 492 -17.48 -10.43 21.10
N PHE A 493 -16.48 -9.82 21.71
CA PHE A 493 -15.59 -10.58 22.60
C PHE A 493 -15.54 -10.06 24.03
N TYR A 494 -16.07 -8.86 24.25
CA TYR A 494 -16.00 -8.26 25.60
C TYR A 494 -17.34 -7.68 26.06
N LYS A 495 -18.43 -8.27 25.57
CA LYS A 495 -19.79 -7.89 25.98
C LYS A 495 -20.07 -6.40 25.78
N ALA A 496 -19.54 -5.85 24.69
CA ALA A 496 -19.74 -4.45 24.33
C ALA A 496 -19.27 -3.48 25.40
N ASN A 497 -18.31 -3.90 26.21
CA ASN A 497 -17.76 -3.04 27.25
C ASN A 497 -16.76 -2.04 26.67
N ARG A 498 -17.13 -0.77 26.71
CA ARG A 498 -16.34 0.28 26.09
C ARG A 498 -15.08 0.61 26.88
N ALA A 499 -13.93 0.48 26.21
CA ALA A 499 -12.64 0.81 26.82
C ALA A 499 -11.91 1.85 25.99
N HIS A 500 -12.27 3.11 26.16
CA HIS A 500 -11.62 4.25 25.51
C HIS A 500 -11.71 4.20 23.99
N THR A 501 -12.91 3.94 23.47
CA THR A 501 -13.11 3.86 22.02
C THR A 501 -13.97 5.00 21.48
N PHE A 502 -14.48 5.84 22.37
CA PHE A 502 -15.25 7.02 21.97
C PHE A 502 -14.32 8.20 21.73
N LEU A 503 -14.47 8.84 20.57
CA LEU A 503 -13.56 9.92 20.17
C LEU A 503 -14.15 11.31 20.34
N GLY A 504 -15.43 11.39 20.70
CA GLY A 504 -16.09 12.67 20.85
C GLY A 504 -15.95 13.26 22.25
N ASP A 505 -16.76 14.26 22.54
CA ASP A 505 -16.77 14.91 23.85
C ASP A 505 -17.91 14.38 24.70
N PRO A 506 -17.59 13.68 25.80
CA PRO A 506 -18.60 13.14 26.73
C PRO A 506 -19.49 14.22 27.34
N ALA A 507 -19.03 15.47 27.37
CA ALA A 507 -19.82 16.58 27.89
C ALA A 507 -20.93 16.94 26.92
N GLN A 508 -20.70 16.69 25.63
CA GLN A 508 -21.69 16.92 24.59
C GLN A 508 -21.77 15.70 23.66
N GLU A 509 -22.44 14.65 24.11
CA GLU A 509 -22.41 13.35 23.44
C GLU A 509 -22.96 13.39 22.02
N ASP A 510 -24.04 14.13 21.81
CA ASP A 510 -24.72 14.15 20.51
C ASP A 510 -24.09 15.15 19.54
N GLU A 511 -23.19 15.98 20.04
CA GLU A 511 -22.47 16.92 19.20
C GLU A 511 -21.27 16.26 18.54
N ILE A 512 -21.11 16.45 17.24
CA ILE A 512 -19.98 15.87 16.52
C ILE A 512 -18.69 16.56 16.94
N PHE A 513 -17.78 15.78 17.53
CA PHE A 513 -16.51 16.31 18.01
C PHE A 513 -15.35 15.44 17.55
N PRO A 514 -14.27 16.07 17.05
CA PRO A 514 -14.17 17.52 16.83
C PRO A 514 -14.90 17.97 15.58
N ASN A 515 -14.94 19.28 15.34
CA ASN A 515 -15.51 19.82 14.12
C ASN A 515 -14.47 19.82 13.01
N MET A 516 -14.49 18.78 12.18
CA MET A 516 -13.49 18.60 11.14
C MET A 516 -13.58 19.66 10.05
N LEU A 517 -14.75 20.28 9.93
CA LEU A 517 -14.94 21.36 8.95
C LEU A 517 -14.02 22.53 9.25
N LEU A 518 -13.79 22.77 10.55
CA LEU A 518 -12.97 23.89 10.98
C LEU A 518 -11.48 23.59 10.84
N PHE A 519 -11.13 22.31 10.82
CA PHE A 519 -9.75 21.91 10.52
C PHE A 519 -9.43 22.27 9.08
N ALA A 520 -10.37 22.00 8.20
CA ALA A 520 -10.20 22.30 6.77
C ALA A 520 -10.19 23.80 6.54
N ALA A 521 -11.06 24.52 7.23
CA ALA A 521 -11.14 25.96 7.09
C ALA A 521 -9.88 26.65 7.60
N ALA A 522 -9.23 26.03 8.58
CA ALA A 522 -7.98 26.54 9.12
C ALA A 522 -6.90 26.53 8.05
N CYS A 523 -6.98 25.57 7.13
CA CYS A 523 -5.99 25.45 6.07
C CYS A 523 -6.54 25.92 4.73
N GLY A 524 -7.61 26.71 4.76
CA GLY A 524 -8.19 27.28 3.57
C GLY A 524 -8.74 26.24 2.59
N ILE A 525 -9.18 25.11 3.13
CA ILE A 525 -9.73 24.03 2.31
C ILE A 525 -11.25 23.97 2.44
N PRO A 526 -11.96 24.15 1.32
CA PRO A 526 -13.43 24.12 1.32
C PRO A 526 -13.97 22.79 1.82
N ALA A 527 -15.03 22.85 2.64
CA ALA A 527 -15.55 21.67 3.28
C ALA A 527 -17.06 21.74 3.46
N ALA A 528 -17.66 20.58 3.75
CA ALA A 528 -19.10 20.49 3.99
C ALA A 528 -19.41 19.25 4.81
N ARG A 529 -20.60 19.20 5.38
CA ARG A 529 -21.03 18.05 6.16
C ARG A 529 -22.39 17.54 5.69
N VAL A 530 -22.48 16.24 5.47
CA VAL A 530 -23.75 15.63 5.08
C VAL A 530 -24.17 14.60 6.12
N THR A 531 -25.46 14.63 6.48
CA THR A 531 -25.99 13.74 7.52
C THR A 531 -27.10 12.86 6.98
N LYS A 532 -27.97 13.45 6.15
CA LYS A 532 -29.08 12.71 5.55
C LYS A 532 -28.65 12.00 4.28
N LYS A 533 -29.05 10.75 4.15
CA LYS A 533 -28.68 9.92 3.00
C LYS A 533 -29.15 10.50 1.67
N ALA A 534 -30.30 11.18 1.70
CA ALA A 534 -30.86 11.79 0.50
C ALA A 534 -29.96 12.86 -0.10
N ASP A 535 -29.16 13.52 0.75
CA ASP A 535 -28.32 14.63 0.31
C ASP A 535 -26.90 14.18 -0.04
N LEU A 536 -26.63 12.88 0.12
CA LEU A 536 -25.29 12.34 -0.02
C LEU A 536 -24.74 12.41 -1.45
N ARG A 537 -25.58 12.02 -2.42
CA ARG A 537 -25.16 11.97 -3.80
C ARG A 537 -24.73 13.34 -4.32
N GLU A 538 -25.51 14.36 -4.00
CA GLU A 538 -25.20 15.73 -4.41
C GLU A 538 -23.96 16.25 -3.71
N ALA A 539 -23.75 15.81 -2.47
CA ALA A 539 -22.61 16.26 -1.69
C ALA A 539 -21.29 15.75 -2.25
N ILE A 540 -21.25 14.46 -2.58
CA ILE A 540 -20.06 13.86 -3.16
C ILE A 540 -19.79 14.46 -4.54
N GLN A 541 -20.85 14.70 -5.29
CA GLN A 541 -20.74 15.34 -6.61
C GLN A 541 -20.09 16.71 -6.48
N THR A 542 -20.51 17.46 -5.48
CA THR A 542 -19.95 18.79 -5.21
C THR A 542 -18.47 18.69 -4.87
N MET A 543 -18.12 17.71 -4.04
CA MET A 543 -16.73 17.47 -3.66
C MET A 543 -15.84 17.24 -4.90
N LEU A 544 -16.35 16.48 -5.86
CA LEU A 544 -15.59 16.15 -7.06
C LEU A 544 -15.53 17.32 -8.02
N ASP A 545 -16.65 18.02 -8.19
CA ASP A 545 -16.75 19.11 -9.15
C ASP A 545 -16.00 20.36 -8.71
N THR A 546 -15.90 20.56 -7.41
CA THR A 546 -15.18 21.71 -6.87
C THR A 546 -13.68 21.54 -7.07
N PRO A 547 -13.08 22.46 -7.86
CA PRO A 547 -11.65 22.41 -8.18
C PRO A 547 -10.78 22.55 -6.95
N GLY A 548 -9.78 21.68 -6.81
CA GLY A 548 -8.86 21.74 -5.70
C GLY A 548 -9.24 20.83 -4.55
N PRO A 549 -8.60 21.02 -3.39
CA PRO A 549 -8.84 20.21 -2.19
C PRO A 549 -10.27 20.34 -1.70
N TYR A 550 -10.78 19.30 -1.04
CA TYR A 550 -12.13 19.33 -0.51
C TYR A 550 -12.30 18.30 0.60
N LEU A 551 -13.04 18.67 1.63
CA LEU A 551 -13.33 17.76 2.73
C LEU A 551 -14.83 17.56 2.89
N LEU A 552 -15.28 16.33 2.71
CA LEU A 552 -16.68 15.99 2.95
C LEU A 552 -16.81 15.17 4.23
N ASP A 553 -17.52 15.73 5.20
CA ASP A 553 -17.70 15.07 6.50
C ASP A 553 -18.99 14.25 6.47
N VAL A 554 -18.85 12.94 6.28
CA VAL A 554 -20.00 12.04 6.20
C VAL A 554 -20.29 11.40 7.56
N ILE A 555 -21.45 11.73 8.13
CA ILE A 555 -21.82 11.21 9.44
C ILE A 555 -22.46 9.83 9.34
N CYS A 556 -21.90 8.87 10.06
CA CYS A 556 -22.33 7.47 9.97
C CYS A 556 -22.65 6.89 11.35
N PRO A 557 -23.61 5.95 11.40
CA PRO A 557 -23.94 5.24 12.64
C PRO A 557 -22.79 4.34 13.09
N HIS A 558 -22.46 4.38 14.38
CA HIS A 558 -21.33 3.63 14.91
C HIS A 558 -21.67 2.19 15.25
N GLN A 559 -22.91 1.82 15.03
CA GLN A 559 -23.38 0.47 15.36
C GLN A 559 -23.08 -0.53 14.24
N GLU A 560 -22.53 -0.04 13.13
CA GLU A 560 -22.22 -0.89 11.99
C GLU A 560 -21.05 -1.83 12.26
N HIS A 561 -21.21 -3.09 11.86
CA HIS A 561 -20.13 -4.07 11.97
C HIS A 561 -19.70 -4.54 10.58
N VAL A 562 -18.40 -4.71 10.38
CA VAL A 562 -17.90 -5.19 9.11
C VAL A 562 -18.22 -6.67 8.93
N LEU A 563 -18.89 -6.99 7.82
CA LEU A 563 -19.31 -8.36 7.53
C LEU A 563 -19.00 -8.72 6.08
N PRO A 564 -18.75 -10.00 5.80
CA PRO A 564 -18.71 -11.10 6.78
C PRO A 564 -17.38 -11.13 7.53
N MET A 565 -17.30 -11.95 8.58
CA MET A 565 -16.10 -12.02 9.39
C MET A 565 -15.72 -13.44 9.77
N ILE A 566 -14.49 -13.83 9.45
CA ILE A 566 -13.92 -15.07 9.96
C ILE A 566 -12.99 -14.75 11.12
N PRO A 567 -13.32 -15.26 12.32
CA PRO A 567 -12.56 -14.99 13.54
C PRO A 567 -11.08 -15.34 13.39
N SER A 568 -10.22 -14.63 14.11
CA SER A 568 -8.79 -14.84 14.01
C SER A 568 -8.40 -16.26 14.38
N GLY A 569 -7.71 -16.94 13.47
CA GLY A 569 -7.30 -18.31 13.67
C GLY A 569 -8.42 -19.30 13.45
N GLY A 570 -9.49 -18.85 12.80
CA GLY A 570 -10.65 -19.69 12.56
C GLY A 570 -10.67 -20.33 11.19
N THR A 571 -11.73 -21.06 10.90
CA THR A 571 -11.90 -21.71 9.61
C THR A 571 -13.08 -21.12 8.86
N PHE A 572 -13.33 -21.61 7.65
CA PHE A 572 -14.43 -21.11 6.83
C PHE A 572 -15.78 -21.40 7.48
N ASN A 573 -15.87 -22.51 8.22
CA ASN A 573 -17.11 -22.88 8.89
C ASN A 573 -17.43 -21.97 10.07
N ASP A 574 -16.47 -21.13 10.44
CA ASP A 574 -16.64 -20.22 11.57
C ASP A 574 -17.06 -18.83 11.11
N VAL A 575 -17.36 -18.70 9.82
CA VAL A 575 -17.68 -17.40 9.24
C VAL A 575 -18.96 -16.81 9.83
N ILE A 576 -18.90 -15.50 10.11
CA ILE A 576 -20.05 -14.79 10.66
C ILE A 576 -20.66 -13.92 9.57
N THR A 577 -21.97 -14.04 9.38
CA THR A 577 -22.63 -13.37 8.26
C THR A 577 -23.65 -12.31 8.72
N GLU A 578 -24.12 -12.41 9.95
CA GLU A 578 -25.12 -11.47 10.45
C GLU A 578 -24.81 -10.98 11.86
N GLY A 579 -25.18 -9.74 12.14
CA GLY A 579 -24.99 -9.15 13.46
C GLY A 579 -24.35 -7.77 13.43
N ASP A 580 -24.68 -6.95 14.42
CA ASP A 580 -24.08 -5.63 14.57
C ASP A 580 -24.03 -5.21 16.04
N GLY A 581 -24.20 -3.92 16.29
CA GLY A 581 -24.16 -3.39 17.65
C GLY A 581 -25.43 -2.66 18.04
N ARG A 582 -26.58 -3.20 17.64
CA ARG A 582 -27.86 -2.59 17.96
C ARG A 582 -28.70 -3.50 18.86
#